data_8GF0
#
_entry.id   8GF0
#
_cell.length_a   177.167
_cell.length_b   177.167
_cell.length_c   177.167
_cell.angle_alpha   90.000
_cell.angle_beta   90.000
_cell.angle_gamma   90.000
#
_symmetry.space_group_name_H-M   'I 2 3'
#
loop_
_entity.id
_entity.type
_entity.pdbx_description
1 polymer 'Lytic transglycosylase domain-containing protein'
2 non-polymer '2,2-dimethyl-3-oxobutyl 2-acetamido-2-deoxy-beta-D-glucopyranoside'
3 non-polymer 'CITRIC ACID'
4 non-polymer 'DIMETHYL SULFOXIDE'
5 water water
#
_entity_poly.entity_id   1
_entity_poly.type   'polypeptide(L)'
_entity_poly.pdbx_seq_one_letter_code
;MGSSHHHHHHSSGLVPRGSHMQYSIEKLKKEENSLAKDYYIYRLLEKNKISKKDAQDLNSHIFRYIGKIKSELEKIIPLK
PYINPKYAKCYTYTANTILDANLTCQSVRLNSLVFIASLNSKDRTTLAQTFKNQRPDLTNLLLAFNTSDPMSYIVQKEDI
NGFFKLYNYSKKYDLDLNTSLVNKLPNHIGFKDFAQNIIIKKENPKFRHSMLEINPENVSEDSAFYLGVNALTYDKTELA
YDFFKKAAQSFKSQSNKDNAIFWMWLIKNNEEDLKTLSQSSSLNIYSLYAKELTNTPFPKIESLNPSKKKNNFNMQDPFA
WQKINKQIRDANASQLDVLAKEFDTQETLPIYAYILERKNNFKKHYFIMPYYDNIKDYNKTRQALILAIARQESRFIPTA
ISVSYALGMMQFMPFLANHIGEKELKIPNFDQDFMFKPEIAYYFGNYHLNYLESRLKSPLFVAYAYNGGIGFTNRMLARN
DMFKTGKFEPFLSMELVPYQESRIYGKKVLANYIVYRHLLNDSIKISDIFENLIQNKANDLNKS
;
_entity_poly.pdbx_strand_id   A
#
# COMPACT_ATOMS: atom_id res chain seq x y z
N GLN A 22 9.26 -27.00 15.54
CA GLN A 22 8.74 -25.69 16.02
C GLN A 22 9.50 -25.29 17.29
N TYR A 23 9.40 -24.00 17.64
CA TYR A 23 10.07 -23.42 18.79
C TYR A 23 9.04 -23.12 19.88
N SER A 24 9.46 -23.45 21.12
CA SER A 24 8.76 -23.09 22.34
C SER A 24 8.81 -21.57 22.55
N ILE A 25 7.87 -21.06 23.35
CA ILE A 25 7.84 -19.65 23.68
C ILE A 25 9.16 -19.25 24.34
N GLU A 26 9.76 -20.14 25.14
CA GLU A 26 11.00 -19.83 25.85
C GLU A 26 12.14 -19.59 24.85
N LYS A 27 12.17 -20.41 23.78
CA LYS A 27 13.19 -20.32 22.74
C LYS A 27 12.99 -19.05 21.90
N LEU A 28 11.75 -18.76 21.51
CA LEU A 28 11.47 -17.55 20.76
C LEU A 28 11.89 -16.32 21.54
N LYS A 29 11.63 -16.31 22.85
CA LYS A 29 11.85 -15.11 23.64
C LYS A 29 13.35 -14.75 23.59
N LYS A 30 14.24 -15.71 23.32
CA LYS A 30 15.67 -15.46 23.19
C LYS A 30 16.04 -14.84 21.84
N GLU A 31 15.14 -14.89 20.84
CA GLU A 31 15.42 -14.29 19.54
C GLU A 31 15.20 -12.79 19.62
N GLU A 32 15.88 -12.03 18.76
CA GLU A 32 15.62 -10.60 18.65
C GLU A 32 14.19 -10.41 18.18
N ASN A 33 13.56 -9.28 18.57
CA ASN A 33 12.22 -8.95 18.11
C ASN A 33 12.27 -8.70 16.59
N SER A 34 11.28 -9.23 15.87
CA SER A 34 11.23 -9.15 14.41
C SER A 34 9.90 -9.70 13.95
N LEU A 35 9.56 -9.48 12.67
CA LEU A 35 8.39 -10.10 12.09
C LEU A 35 8.49 -11.64 12.14
N ALA A 36 9.67 -12.23 12.09
CA ALA A 36 9.76 -13.68 12.09
C ALA A 36 9.37 -14.21 13.48
N LYS A 37 9.85 -13.52 14.52
CA LYS A 37 9.53 -13.91 15.88
C LYS A 37 8.05 -13.70 16.12
N ASP A 38 7.50 -12.58 15.63
CA ASP A 38 6.07 -12.32 15.69
C ASP A 38 5.26 -13.46 15.06
N TYR A 39 5.62 -13.84 13.82
CA TYR A 39 4.97 -14.92 13.10
C TYR A 39 4.94 -16.19 13.98
N TYR A 40 6.10 -16.59 14.53
CA TYR A 40 6.13 -17.81 15.35
C TYR A 40 5.38 -17.70 16.69
N ILE A 41 5.31 -16.52 17.29
CA ILE A 41 4.41 -16.29 18.42
C ILE A 41 2.96 -16.42 17.99
N TYR A 42 2.62 -15.86 16.82
CA TYR A 42 1.27 -15.94 16.33
C TYR A 42 0.86 -17.40 16.11
N ARG A 43 1.80 -18.22 15.59
CA ARG A 43 1.51 -19.63 15.38
C ARG A 43 1.21 -20.35 16.71
N LEU A 44 1.88 -19.98 17.78
CA LEU A 44 1.59 -20.58 19.09
C LEU A 44 0.21 -20.12 19.56
N LEU A 45 -0.12 -18.84 19.38
CA LEU A 45 -1.41 -18.33 19.77
C LEU A 45 -2.53 -19.03 19.00
N GLU A 46 -2.38 -19.23 17.68
CA GLU A 46 -3.52 -19.81 16.96
C GLU A 46 -3.69 -21.30 17.29
N LYS A 47 -2.65 -21.98 17.79
CA LYS A 47 -2.74 -23.36 18.24
C LYS A 47 -3.01 -23.47 19.76
N ASN A 48 -3.28 -22.34 20.42
CA ASN A 48 -3.72 -22.29 21.82
C ASN A 48 -2.62 -22.74 22.77
N LYS A 49 -1.38 -22.49 22.38
CA LYS A 49 -0.24 -23.01 23.11
C LYS A 49 0.37 -21.93 24.02
N ILE A 50 -0.19 -20.72 24.06
CA ILE A 50 0.28 -19.66 24.94
C ILE A 50 -0.71 -19.54 26.12
N SER A 51 -0.23 -19.91 27.30
CA SER A 51 -1.02 -19.79 28.53
C SER A 51 -1.13 -18.34 28.98
N LYS A 52 -2.12 -18.06 29.84
CA LYS A 52 -2.27 -16.74 30.45
C LYS A 52 -0.96 -16.32 31.14
N LYS A 53 -0.24 -17.28 31.70
CA LYS A 53 1.03 -16.98 32.35
C LYS A 53 2.11 -16.61 31.34
N ASP A 54 2.23 -17.41 30.26
CA ASP A 54 3.17 -17.13 29.17
C ASP A 54 2.90 -15.71 28.63
N ALA A 55 1.62 -15.36 28.57
CA ALA A 55 1.19 -14.13 27.92
C ALA A 55 1.59 -12.87 28.72
N GLN A 56 1.97 -13.00 30.02
CA GLN A 56 2.09 -11.80 30.86
C GLN A 56 3.11 -10.80 30.31
N ASP A 57 4.33 -11.24 29.97
CA ASP A 57 5.32 -10.24 29.54
C ASP A 57 5.39 -10.05 28.01
N LEU A 58 4.37 -10.48 27.26
CA LEU A 58 4.64 -10.91 25.89
C LEU A 58 4.68 -9.72 24.91
N ASN A 59 3.89 -8.66 25.15
CA ASN A 59 3.89 -7.42 24.37
C ASN A 59 5.31 -6.85 24.15
N SER A 60 6.21 -6.94 25.14
CA SER A 60 7.61 -6.53 24.98
C SER A 60 8.41 -7.46 24.06
N HIS A 61 7.83 -8.62 23.70
CA HIS A 61 8.49 -9.57 22.82
C HIS A 61 7.94 -9.51 21.39
N ILE A 62 7.03 -8.56 21.15
CA ILE A 62 6.37 -8.43 19.87
C ILE A 62 6.91 -7.19 19.15
N PHE A 63 7.33 -7.37 17.90
CA PHE A 63 7.99 -6.34 17.09
C PHE A 63 6.95 -5.39 16.56
N ARG A 64 5.83 -5.93 16.05
CA ARG A 64 4.77 -5.11 15.47
C ARG A 64 3.42 -5.54 16.03
N TYR A 65 3.00 -4.79 17.08
CA TYR A 65 1.85 -5.19 17.87
C TYR A 65 0.60 -4.60 17.26
N ILE A 66 0.23 -5.17 16.10
CA ILE A 66 -0.85 -4.66 15.29
C ILE A 66 -1.57 -5.85 14.64
N GLY A 67 -2.89 -5.76 14.51
CA GLY A 67 -3.64 -6.75 13.76
C GLY A 67 -3.85 -8.03 14.56
N LYS A 68 -3.81 -9.17 13.86
CA LYS A 68 -4.24 -10.45 14.41
C LYS A 68 -3.43 -10.84 15.65
N ILE A 69 -2.10 -10.59 15.67
CA ILE A 69 -1.33 -10.98 16.86
C ILE A 69 -1.85 -10.21 18.09
N LYS A 70 -2.24 -8.94 17.89
CA LYS A 70 -2.75 -8.10 18.97
C LYS A 70 -4.13 -8.60 19.39
N SER A 71 -4.98 -8.95 18.44
CA SER A 71 -6.32 -9.38 18.83
C SER A 71 -6.30 -10.76 19.48
N GLU A 72 -5.39 -11.67 19.07
CA GLU A 72 -5.25 -12.98 19.71
C GLU A 72 -4.69 -12.80 21.13
N LEU A 73 -3.68 -11.95 21.26
CA LEU A 73 -3.10 -11.83 22.58
C LEU A 73 -4.15 -11.29 23.55
N GLU A 74 -5.05 -10.42 23.05
CA GLU A 74 -5.98 -9.66 23.87
C GLU A 74 -7.16 -10.55 24.26
N LYS A 75 -7.37 -11.68 23.56
CA LYS A 75 -8.31 -12.69 24.02
C LYS A 75 -7.79 -13.40 25.27
N ILE A 76 -6.48 -13.42 25.47
CA ILE A 76 -5.89 -14.02 26.66
C ILE A 76 -5.77 -12.97 27.79
N ILE A 77 -5.17 -11.79 27.49
CA ILE A 77 -5.08 -10.70 28.47
C ILE A 77 -5.64 -9.42 27.84
N PRO A 78 -6.89 -8.99 28.11
CA PRO A 78 -7.36 -7.69 27.58
C PRO A 78 -6.40 -6.56 27.94
N LEU A 79 -6.24 -5.52 27.10
CA LEU A 79 -5.63 -4.30 27.60
C LEU A 79 -6.77 -3.35 27.98
N LYS A 80 -6.62 -2.78 29.20
CA LYS A 80 -7.38 -1.61 29.62
C LYS A 80 -6.85 -0.41 28.82
N PRO A 81 -5.59 0.03 29.08
CA PRO A 81 -5.15 1.40 28.78
C PRO A 81 -5.86 2.17 27.65
N TYR A 82 -5.33 3.36 27.30
CA TYR A 82 -4.57 4.21 28.18
C TYR A 82 -5.44 5.43 28.43
N ILE A 83 -5.49 5.90 29.68
CA ILE A 83 -5.98 7.23 29.93
C ILE A 83 -4.89 7.97 30.71
N ASN A 84 -4.38 9.04 30.09
CA ASN A 84 -3.48 9.96 30.74
C ASN A 84 -4.04 10.25 32.15
N PRO A 85 -3.33 9.87 33.24
CA PRO A 85 -3.79 10.12 34.62
C PRO A 85 -4.17 11.56 34.96
N LYS A 86 -3.60 12.53 34.23
CA LYS A 86 -3.93 13.95 34.37
C LYS A 86 -5.41 14.20 34.09
N TYR A 87 -6.00 13.45 33.12
CA TYR A 87 -7.38 13.64 32.69
C TYR A 87 -8.34 12.51 33.12
N ALA A 88 -7.90 11.59 33.97
CA ALA A 88 -8.74 10.43 34.29
C ALA A 88 -10.10 10.90 34.77
N LYS A 89 -10.12 11.93 35.60
CA LYS A 89 -11.36 12.33 36.23
C LYS A 89 -12.32 12.84 35.17
N CYS A 90 -11.78 13.39 34.07
CA CYS A 90 -12.59 13.93 32.98
C CYS A 90 -13.47 12.83 32.39
N TYR A 91 -13.02 11.56 32.45
CA TYR A 91 -13.73 10.45 31.83
C TYR A 91 -14.69 9.81 32.82
N THR A 92 -14.90 10.39 34.01
CA THR A 92 -15.98 9.99 34.91
C THR A 92 -17.30 10.72 34.62
N TYR A 93 -17.26 11.77 33.80
CA TYR A 93 -18.47 12.48 33.39
C TYR A 93 -19.06 11.83 32.16
N THR A 94 -20.36 12.04 31.97
CA THR A 94 -21.05 11.62 30.75
C THR A 94 -21.70 12.87 30.15
N ALA A 95 -22.43 12.71 29.04
CA ALA A 95 -23.19 13.79 28.43
C ALA A 95 -24.20 14.40 29.39
N ASN A 96 -24.70 13.65 30.39
CA ASN A 96 -25.65 14.15 31.36
C ASN A 96 -25.00 14.94 32.47
N THR A 97 -23.68 14.81 32.69
CA THR A 97 -23.08 15.50 33.83
C THR A 97 -21.93 16.44 33.44
N ILE A 98 -21.73 16.70 32.15
CA ILE A 98 -20.54 17.40 31.71
C ILE A 98 -20.55 18.86 32.15
N LEU A 99 -21.75 19.46 32.37
CA LEU A 99 -21.80 20.83 32.87
C LEU A 99 -21.28 20.94 34.32
N ASP A 100 -21.08 19.81 35.02
CA ASP A 100 -20.50 19.80 36.35
C ASP A 100 -18.98 19.70 36.26
N ALA A 101 -18.43 19.42 35.06
CA ALA A 101 -17.00 19.22 34.95
C ALA A 101 -16.29 20.57 34.94
N ASN A 102 -15.03 20.58 35.42
CA ASN A 102 -14.20 21.77 35.34
C ASN A 102 -13.99 22.09 33.85
N LEU A 103 -13.47 23.27 33.55
CA LEU A 103 -13.37 23.73 32.18
C LEU A 103 -12.38 22.90 31.38
N THR A 104 -11.28 22.47 32.03
CA THR A 104 -10.31 21.63 31.33
C THR A 104 -10.95 20.32 30.87
N CYS A 105 -11.74 19.68 31.76
CA CYS A 105 -12.43 18.42 31.47
C CYS A 105 -13.48 18.64 30.37
N GLN A 106 -14.21 19.76 30.44
CA GLN A 106 -15.17 20.09 29.39
C GLN A 106 -14.48 20.11 28.04
N SER A 107 -13.32 20.77 27.94
CA SER A 107 -12.76 20.89 26.60
C SER A 107 -12.10 19.60 26.12
N VAL A 108 -11.51 18.79 27.02
CA VAL A 108 -10.99 17.47 26.65
C VAL A 108 -12.09 16.56 26.05
N ARG A 109 -13.27 16.49 26.67
CA ARG A 109 -14.35 15.61 26.25
C ARG A 109 -14.94 16.11 24.92
N LEU A 110 -14.79 17.42 24.61
CA LEU A 110 -15.31 17.99 23.36
C LEU A 110 -14.35 17.76 22.19
N ASN A 111 -13.23 17.09 22.41
CA ASN A 111 -12.40 16.57 21.32
C ASN A 111 -13.13 15.50 20.50
N SER A 112 -14.18 14.87 21.08
CA SER A 112 -14.92 13.78 20.43
C SER A 112 -16.21 14.29 19.81
N LEU A 113 -16.35 14.18 18.47
CA LEU A 113 -17.58 14.61 17.81
C LEU A 113 -18.77 13.70 18.18
N VAL A 114 -18.53 12.42 18.40
CA VAL A 114 -19.59 11.56 18.90
C VAL A 114 -20.09 12.10 20.25
N PHE A 115 -19.16 12.53 21.12
CA PHE A 115 -19.55 13.11 22.42
C PHE A 115 -20.40 14.35 22.19
N ILE A 116 -19.95 15.26 21.31
CA ILE A 116 -20.77 16.42 20.95
C ILE A 116 -22.15 16.02 20.44
N ALA A 117 -22.23 15.06 19.50
CA ALA A 117 -23.49 14.60 18.94
C ALA A 117 -24.44 14.10 20.05
N SER A 118 -23.88 13.53 21.13
CA SER A 118 -24.69 12.91 22.18
C SER A 118 -25.27 13.97 23.13
N LEU A 119 -24.72 15.18 23.12
CA LEU A 119 -25.21 16.22 24.05
C LEU A 119 -26.60 16.67 23.64
N ASN A 120 -27.35 17.19 24.61
CA ASN A 120 -28.58 17.83 24.22
C ASN A 120 -28.27 19.27 23.76
N SER A 121 -29.22 19.83 23.00
CA SER A 121 -28.94 21.03 22.24
C SER A 121 -28.82 22.25 23.18
N LYS A 122 -29.55 22.30 24.32
CA LYS A 122 -29.37 23.40 25.27
C LYS A 122 -27.96 23.40 25.83
N ASP A 123 -27.42 22.21 26.15
CA ASP A 123 -26.06 22.11 26.68
C ASP A 123 -25.05 22.49 25.59
N ARG A 124 -25.33 22.16 24.30
CA ARG A 124 -24.43 22.58 23.23
C ARG A 124 -24.38 24.12 23.15
N THR A 125 -25.54 24.80 23.31
CA THR A 125 -25.61 26.26 23.33
C THR A 125 -24.82 26.85 24.49
N THR A 126 -24.95 26.27 25.69
CA THR A 126 -24.23 26.71 26.88
C THR A 126 -22.74 26.62 26.67
N LEU A 127 -22.28 25.41 26.29
CA LEU A 127 -20.85 25.17 26.06
C LEU A 127 -20.27 26.05 24.94
N ALA A 128 -21.05 26.34 23.88
CA ALA A 128 -20.57 27.16 22.76
C ALA A 128 -20.23 28.59 23.24
N GLN A 129 -21.11 29.10 24.10
CA GLN A 129 -20.89 30.37 24.78
C GLN A 129 -19.66 30.32 25.69
N THR A 130 -19.54 29.30 26.54
CA THR A 130 -18.35 29.11 27.38
C THR A 130 -17.07 29.20 26.55
N PHE A 131 -17.05 28.59 25.34
CA PHE A 131 -15.81 28.43 24.61
C PHE A 131 -15.65 29.44 23.47
N LYS A 132 -16.58 30.38 23.31
CA LYS A 132 -16.55 31.25 22.14
C LYS A 132 -15.21 31.99 21.98
N ASN A 133 -14.68 32.50 23.10
CA ASN A 133 -13.45 33.28 23.11
C ASN A 133 -12.21 32.40 22.96
N GLN A 134 -11.98 31.46 23.88
CA GLN A 134 -10.75 30.69 23.93
C GLN A 134 -10.70 29.58 22.86
N ARG A 135 -11.87 28.97 22.54
CA ARG A 135 -11.91 27.81 21.65
C ARG A 135 -13.06 27.93 20.66
N PRO A 136 -13.01 28.91 19.70
CA PRO A 136 -14.05 29.05 18.68
C PRO A 136 -14.19 27.81 17.79
N ASP A 137 -13.15 26.98 17.69
CA ASP A 137 -13.26 25.68 17.03
C ASP A 137 -14.34 24.81 17.70
N LEU A 138 -14.39 24.77 19.03
CA LEU A 138 -15.37 23.99 19.76
C LEU A 138 -16.75 24.61 19.60
N THR A 139 -16.86 25.94 19.76
CA THR A 139 -18.09 26.67 19.50
C THR A 139 -18.67 26.34 18.13
N ASN A 140 -17.84 26.37 17.09
CA ASN A 140 -18.31 26.08 15.75
C ASN A 140 -18.93 24.67 15.64
N LEU A 141 -18.26 23.66 16.19
CA LEU A 141 -18.78 22.28 16.16
C LEU A 141 -20.04 22.12 16.99
N LEU A 142 -20.07 22.76 18.18
CA LEU A 142 -21.25 22.68 19.06
C LEU A 142 -22.48 23.27 18.38
N LEU A 143 -22.35 24.47 17.81
CA LEU A 143 -23.50 25.07 17.16
C LEU A 143 -23.81 24.35 15.87
N ALA A 144 -22.80 23.72 15.23
CA ALA A 144 -23.04 22.97 14.01
C ALA A 144 -23.97 21.77 14.27
N PHE A 145 -23.74 21.10 15.41
CA PHE A 145 -24.52 19.91 15.79
C PHE A 145 -25.91 20.27 16.32
N ASN A 146 -26.18 21.56 16.56
CA ASN A 146 -27.52 22.07 16.82
C ASN A 146 -28.33 22.23 15.52
N THR A 147 -27.73 22.03 14.34
CA THR A 147 -28.46 22.12 13.07
C THR A 147 -28.67 20.73 12.50
N SER A 148 -29.53 20.66 11.49
CA SER A 148 -29.78 19.40 10.82
C SER A 148 -28.66 19.06 9.82
N ASP A 149 -27.69 19.97 9.57
CA ASP A 149 -26.55 19.62 8.72
C ASP A 149 -25.28 20.30 9.22
N PRO A 150 -24.55 19.67 10.17
CA PRO A 150 -23.35 20.27 10.76
C PRO A 150 -22.31 20.63 9.71
N MET A 151 -22.25 19.87 8.60
CA MET A 151 -21.24 20.10 7.57
C MET A 151 -21.49 21.43 6.86
N SER A 152 -22.77 21.76 6.62
CA SER A 152 -23.16 23.00 6.02
C SER A 152 -22.78 24.21 6.87
N TYR A 153 -23.02 24.07 8.18
CA TYR A 153 -22.64 25.10 9.13
C TYR A 153 -21.11 25.35 9.12
N ILE A 154 -20.32 24.27 9.21
CA ILE A 154 -18.86 24.34 9.25
C ILE A 154 -18.32 24.87 7.90
N VAL A 155 -18.95 24.51 6.80
CA VAL A 155 -18.52 25.01 5.48
C VAL A 155 -18.77 26.51 5.36
N GLN A 156 -19.92 27.00 5.87
CA GLN A 156 -20.26 28.41 5.87
C GLN A 156 -19.21 29.16 6.70
N LYS A 157 -18.72 28.58 7.80
CA LYS A 157 -17.71 29.22 8.63
C LYS A 157 -16.31 29.14 8.02
N GLU A 158 -16.08 28.23 7.07
CA GLU A 158 -14.79 27.97 6.42
C GLU A 158 -13.80 27.56 7.51
N ASP A 159 -14.32 26.76 8.46
CA ASP A 159 -13.52 26.20 9.54
C ASP A 159 -12.89 24.93 9.01
N ILE A 160 -11.60 25.02 8.62
CA ILE A 160 -10.93 23.91 7.96
C ILE A 160 -10.68 22.70 8.90
N ASN A 161 -10.20 22.94 10.11
CA ASN A 161 -10.01 21.87 11.08
C ASN A 161 -11.35 21.16 11.38
N GLY A 162 -12.43 21.96 11.54
CA GLY A 162 -13.77 21.45 11.74
C GLY A 162 -14.22 20.56 10.58
N PHE A 163 -13.92 20.97 9.34
CA PHE A 163 -14.31 20.26 8.15
C PHE A 163 -13.74 18.85 8.21
N PHE A 164 -12.43 18.75 8.47
CA PHE A 164 -11.78 17.46 8.49
C PHE A 164 -12.25 16.60 9.68
N LYS A 165 -12.51 17.21 10.85
CA LYS A 165 -13.03 16.46 12.00
C LYS A 165 -14.41 15.89 11.64
N LEU A 166 -15.23 16.64 10.93
CA LEU A 166 -16.55 16.16 10.52
C LEU A 166 -16.47 15.08 9.49
N TYR A 167 -15.54 15.20 8.52
CA TYR A 167 -15.34 14.15 7.55
C TYR A 167 -14.84 12.86 8.20
N ASN A 168 -13.91 12.96 9.13
CA ASN A 168 -13.46 11.77 9.86
C ASN A 168 -14.58 11.09 10.67
N TYR A 169 -15.47 11.90 11.24
CA TYR A 169 -16.66 11.47 11.97
C TYR A 169 -17.64 10.78 11.03
N SER A 170 -17.88 11.38 9.87
CA SER A 170 -18.79 10.74 8.94
C SER A 170 -18.48 11.17 7.51
N LYS A 171 -18.22 10.15 6.68
CA LYS A 171 -18.05 10.26 5.23
C LYS A 171 -19.32 10.57 4.46
N LYS A 172 -20.48 10.57 5.12
CA LYS A 172 -21.74 10.65 4.42
C LYS A 172 -22.05 12.10 4.09
N TYR A 173 -21.54 13.07 4.88
CA TYR A 173 -21.71 14.48 4.54
C TYR A 173 -21.15 14.73 3.15
N ASP A 174 -21.90 15.52 2.37
CA ASP A 174 -21.46 15.91 1.03
C ASP A 174 -22.14 17.22 0.66
N LEU A 175 -21.36 18.19 0.18
CA LEU A 175 -21.88 19.53 -0.08
C LEU A 175 -20.99 20.18 -1.13
N ASP A 176 -21.54 21.11 -1.92
CA ASP A 176 -20.68 21.88 -2.80
C ASP A 176 -19.85 22.84 -1.97
N LEU A 177 -18.56 22.98 -2.37
CA LEU A 177 -17.60 23.85 -1.71
C LEU A 177 -17.14 24.91 -2.72
N ASN A 178 -17.08 26.18 -2.31
CA ASN A 178 -16.79 27.25 -3.22
C ASN A 178 -15.25 27.31 -3.44
N THR A 179 -14.82 28.17 -4.36
CA THR A 179 -13.41 28.26 -4.77
C THR A 179 -12.49 28.57 -3.60
N SER A 180 -12.91 29.54 -2.79
CA SER A 180 -12.15 29.97 -1.61
C SER A 180 -11.93 28.82 -0.63
N LEU A 181 -13.01 28.13 -0.26
CA LEU A 181 -12.92 27.01 0.70
C LEU A 181 -12.07 25.86 0.15
N VAL A 182 -12.28 25.42 -1.09
CA VAL A 182 -11.60 24.24 -1.59
C VAL A 182 -10.09 24.51 -1.66
N ASN A 183 -9.69 25.75 -1.94
CA ASN A 183 -8.28 26.13 -2.00
C ASN A 183 -7.64 26.19 -0.63
N LYS A 184 -8.42 26.22 0.44
CA LYS A 184 -7.86 26.17 1.79
C LYS A 184 -7.62 24.73 2.24
N LEU A 185 -8.32 23.75 1.67
CA LEU A 185 -8.25 22.38 2.19
C LEU A 185 -6.86 21.76 2.05
N PRO A 186 -6.11 22.00 0.94
CA PRO A 186 -4.82 21.30 0.75
C PRO A 186 -3.75 21.55 1.82
N ASN A 187 -3.86 22.62 2.63
CA ASN A 187 -2.88 22.96 3.64
C ASN A 187 -3.02 22.07 4.89
N HIS A 188 -4.10 21.27 4.99
CA HIS A 188 -4.35 20.46 6.18
C HIS A 188 -3.81 19.05 5.92
N ILE A 189 -3.23 18.39 6.95
CA ILE A 189 -2.58 17.09 6.73
C ILE A 189 -3.53 16.00 6.22
N GLY A 190 -4.83 16.15 6.53
CA GLY A 190 -5.87 15.21 6.15
C GLY A 190 -6.24 15.25 4.67
N PHE A 191 -5.82 16.32 3.95
CA PHE A 191 -6.29 16.52 2.60
C PHE A 191 -5.89 15.35 1.67
N LYS A 192 -4.64 14.86 1.76
CA LYS A 192 -4.20 13.88 0.76
C LYS A 192 -5.06 12.60 0.78
N ASP A 193 -5.32 12.08 1.97
CA ASP A 193 -6.15 10.88 2.15
C ASP A 193 -7.63 11.13 1.82
N PHE A 194 -8.13 12.31 2.21
CA PHE A 194 -9.44 12.77 1.78
C PHE A 194 -9.62 12.73 0.25
N ALA A 195 -8.73 13.37 -0.49
CA ALA A 195 -8.82 13.46 -1.94
C ALA A 195 -8.68 12.08 -2.54
N GLN A 196 -7.71 11.31 -2.03
CA GLN A 196 -7.48 9.99 -2.58
C GLN A 196 -8.75 9.15 -2.41
N ASN A 197 -9.24 9.10 -1.18
CA ASN A 197 -10.40 8.26 -0.88
C ASN A 197 -11.63 8.62 -1.70
N ILE A 198 -12.01 9.89 -1.74
CA ILE A 198 -13.25 10.21 -2.43
C ILE A 198 -13.09 10.03 -3.94
N ILE A 199 -11.90 10.30 -4.51
CA ILE A 199 -11.70 10.14 -5.96
C ILE A 199 -11.71 8.66 -6.36
N ILE A 200 -10.90 7.83 -5.69
CA ILE A 200 -10.81 6.41 -5.98
C ILE A 200 -12.14 5.69 -5.69
N LYS A 201 -12.82 6.03 -4.60
CA LYS A 201 -14.03 5.32 -4.18
C LYS A 201 -15.24 5.86 -4.95
N LYS A 202 -15.07 7.00 -5.64
CA LYS A 202 -16.14 7.63 -6.39
C LYS A 202 -17.26 7.96 -5.41
N GLU A 203 -16.85 8.57 -4.30
CA GLU A 203 -17.78 8.96 -3.26
C GLU A 203 -17.84 10.48 -3.22
N ASN A 204 -18.80 10.98 -2.44
CA ASN A 204 -18.92 12.40 -2.18
C ASN A 204 -18.81 13.19 -3.49
N PRO A 205 -19.79 13.09 -4.41
CA PRO A 205 -19.70 13.78 -5.68
C PRO A 205 -19.68 15.30 -5.68
N LYS A 206 -20.33 15.94 -4.68
CA LYS A 206 -20.27 17.38 -4.61
C LYS A 206 -18.86 17.82 -4.23
N PHE A 207 -18.26 17.12 -3.28
CA PHE A 207 -16.88 17.41 -2.90
C PHE A 207 -15.97 17.19 -4.13
N ARG A 208 -16.19 16.08 -4.86
CA ARG A 208 -15.36 15.74 -6.02
C ARG A 208 -15.43 16.81 -7.09
N HIS A 209 -16.66 17.24 -7.43
CA HIS A 209 -16.84 18.29 -8.42
C HIS A 209 -16.21 19.61 -7.96
N SER A 210 -16.33 19.92 -6.67
CA SER A 210 -15.77 21.13 -6.10
C SER A 210 -14.23 21.20 -6.28
N MET A 211 -13.58 20.03 -6.23
CA MET A 211 -12.11 19.98 -6.21
C MET A 211 -11.55 20.26 -7.62
N LEU A 212 -12.42 20.41 -8.62
CA LEU A 212 -12.01 20.92 -9.94
C LEU A 212 -11.48 22.35 -9.85
N GLU A 213 -11.86 23.11 -8.82
CA GLU A 213 -11.50 24.53 -8.73
C GLU A 213 -10.25 24.75 -7.87
N ILE A 214 -9.60 23.68 -7.42
CA ILE A 214 -8.36 23.82 -6.69
C ILE A 214 -7.29 24.28 -7.68
N ASN A 215 -6.58 25.36 -7.27
CA ASN A 215 -5.49 25.91 -8.07
C ASN A 215 -4.33 24.92 -7.95
N PRO A 216 -3.76 24.45 -9.08
CA PRO A 216 -2.57 23.57 -9.02
C PRO A 216 -1.40 24.12 -8.21
N GLU A 217 -1.33 25.46 -8.09
CA GLU A 217 -0.32 26.11 -7.27
C GLU A 217 -0.42 25.66 -5.82
N ASN A 218 -1.63 25.26 -5.35
CA ASN A 218 -1.84 24.97 -3.93
C ASN A 218 -1.67 23.50 -3.57
N VAL A 219 -1.35 22.60 -4.56
CA VAL A 219 -1.22 21.18 -4.33
C VAL A 219 0.09 20.68 -4.94
N SER A 220 0.50 19.50 -4.52
CA SER A 220 1.72 18.89 -5.06
C SER A 220 1.64 17.39 -4.91
N GLU A 221 2.62 16.71 -5.52
CA GLU A 221 2.86 15.29 -5.32
C GLU A 221 1.58 14.51 -5.56
N ASP A 222 1.27 13.56 -4.67
CA ASP A 222 0.18 12.61 -4.83
C ASP A 222 -1.15 13.34 -4.97
N SER A 223 -1.31 14.40 -4.15
CA SER A 223 -2.55 15.17 -4.16
C SER A 223 -2.81 15.80 -5.54
N ALA A 224 -1.80 16.47 -6.11
CA ALA A 224 -1.92 17.02 -7.45
C ALA A 224 -2.26 15.93 -8.46
N PHE A 225 -1.62 14.77 -8.35
CA PHE A 225 -1.83 13.66 -9.26
C PHE A 225 -3.30 13.20 -9.21
N TYR A 226 -3.80 12.94 -7.98
CA TYR A 226 -5.21 12.55 -7.81
C TYR A 226 -6.16 13.61 -8.37
N LEU A 227 -5.85 14.89 -8.20
CA LEU A 227 -6.70 15.94 -8.71
C LEU A 227 -6.70 16.00 -10.23
N GLY A 228 -5.58 15.58 -10.86
CA GLY A 228 -5.55 15.34 -12.30
C GLY A 228 -6.48 14.21 -12.73
N VAL A 229 -6.46 13.09 -11.99
CA VAL A 229 -7.34 11.96 -12.25
C VAL A 229 -8.80 12.41 -12.12
N ASN A 230 -9.09 13.15 -11.05
CA ASN A 230 -10.42 13.71 -10.81
C ASN A 230 -10.89 14.54 -12.01
N ALA A 231 -10.02 15.44 -12.48
CA ALA A 231 -10.37 16.29 -13.62
C ALA A 231 -10.66 15.48 -14.89
N LEU A 232 -9.86 14.45 -15.19
CA LEU A 232 -10.16 13.56 -16.30
C LEU A 232 -11.57 12.96 -16.21
N THR A 233 -12.04 12.57 -15.00
CA THR A 233 -13.35 11.93 -14.89
C THR A 233 -14.49 12.89 -15.23
N TYR A 234 -14.27 14.21 -15.11
CA TYR A 234 -15.22 15.25 -15.51
C TYR A 234 -14.91 15.82 -16.89
N ASP A 235 -14.00 15.17 -17.64
CA ASP A 235 -13.54 15.59 -18.95
C ASP A 235 -13.05 17.05 -18.96
N LYS A 236 -12.36 17.45 -17.89
CA LYS A 236 -11.70 18.75 -17.82
C LYS A 236 -10.21 18.55 -18.11
N THR A 237 -9.89 18.34 -19.39
CA THR A 237 -8.57 17.82 -19.78
C THR A 237 -7.49 18.90 -19.59
N GLU A 238 -7.79 20.18 -19.86
CA GLU A 238 -6.83 21.26 -19.60
C GLU A 238 -6.51 21.34 -18.10
N LEU A 239 -7.52 21.32 -17.21
CA LEU A 239 -7.25 21.33 -15.76
C LEU A 239 -6.43 20.09 -15.36
N ALA A 240 -6.77 18.94 -15.96
CA ALA A 240 -6.09 17.69 -15.66
C ALA A 240 -4.61 17.85 -16.01
N TYR A 241 -4.33 18.33 -17.21
CA TYR A 241 -2.94 18.55 -17.61
C TYR A 241 -2.18 19.41 -16.62
N ASP A 242 -2.79 20.53 -16.14
CA ASP A 242 -2.12 21.42 -15.19
C ASP A 242 -1.84 20.70 -13.86
N PHE A 243 -2.77 19.86 -13.38
CA PHE A 243 -2.48 19.12 -12.15
C PHE A 243 -1.34 18.13 -12.37
N PHE A 244 -1.40 17.37 -13.47
CA PHE A 244 -0.38 16.35 -13.71
C PHE A 244 1.00 17.00 -13.89
N LYS A 245 1.04 18.17 -14.50
CA LYS A 245 2.31 18.88 -14.68
C LYS A 245 2.87 19.27 -13.33
N LYS A 246 1.99 19.74 -12.40
CA LYS A 246 2.45 20.10 -11.07
C LYS A 246 2.97 18.89 -10.31
N ALA A 247 2.27 17.76 -10.46
CA ALA A 247 2.70 16.53 -9.82
C ALA A 247 4.07 16.12 -10.36
N ALA A 248 4.27 16.22 -11.68
CA ALA A 248 5.54 15.77 -12.27
C ALA A 248 6.69 16.63 -11.72
N GLN A 249 6.40 17.91 -11.52
CA GLN A 249 7.41 18.85 -11.04
C GLN A 249 7.77 18.66 -9.57
N SER A 250 6.93 17.97 -8.78
CA SER A 250 7.07 17.95 -7.34
C SER A 250 7.32 16.56 -6.80
N PHE A 251 6.97 15.49 -7.55
CA PHE A 251 7.08 14.15 -7.05
C PHE A 251 8.54 13.89 -6.68
N LYS A 252 8.76 13.23 -5.54
CA LYS A 252 10.11 12.85 -5.12
C LYS A 252 10.61 11.64 -5.93
N SER A 253 9.74 10.68 -6.28
CA SER A 253 10.23 9.46 -6.94
C SER A 253 10.09 9.60 -8.46
N GLN A 254 11.15 9.15 -9.19
CA GLN A 254 11.18 9.20 -10.64
C GLN A 254 10.01 8.38 -11.21
N SER A 255 9.70 7.20 -10.65
CA SER A 255 8.62 6.37 -11.14
C SER A 255 7.28 7.15 -11.11
N ASN A 256 7.01 7.86 -10.00
CA ASN A 256 5.78 8.65 -9.92
C ASN A 256 5.81 9.81 -10.91
N LYS A 257 6.97 10.48 -11.02
CA LYS A 257 7.11 11.57 -11.96
C LYS A 257 6.75 11.09 -13.37
N ASP A 258 7.29 9.91 -13.74
CA ASP A 258 7.03 9.30 -15.05
C ASP A 258 5.55 9.05 -15.28
N ASN A 259 4.82 8.60 -14.25
CA ASN A 259 3.38 8.37 -14.33
C ASN A 259 2.65 9.68 -14.64
N ALA A 260 3.11 10.77 -14.02
CA ALA A 260 2.52 12.10 -14.27
C ALA A 260 2.85 12.64 -15.66
N ILE A 261 4.14 12.50 -16.08
CA ILE A 261 4.52 12.89 -17.44
C ILE A 261 3.77 12.08 -18.49
N PHE A 262 3.50 10.80 -18.23
CA PHE A 262 2.69 10.02 -19.16
C PHE A 262 1.32 10.64 -19.37
N TRP A 263 0.68 11.10 -18.27
CA TRP A 263 -0.62 11.77 -18.43
C TRP A 263 -0.52 13.09 -19.17
N MET A 264 0.52 13.89 -18.89
CA MET A 264 0.78 15.11 -19.61
C MET A 264 0.79 14.80 -21.11
N TRP A 265 1.54 13.74 -21.49
CA TRP A 265 1.66 13.32 -22.89
C TRP A 265 0.31 12.84 -23.46
N LEU A 266 -0.41 11.94 -22.79
CA LEU A 266 -1.67 11.44 -23.31
C LEU A 266 -2.70 12.54 -23.56
N ILE A 267 -2.66 13.59 -22.73
CA ILE A 267 -3.64 14.65 -22.82
C ILE A 267 -3.28 15.61 -23.94
N LYS A 268 -2.03 16.08 -24.00
CA LYS A 268 -1.70 17.19 -24.90
C LYS A 268 -0.75 16.79 -26.02
N ASN A 269 -0.13 15.60 -25.93
CA ASN A 269 0.73 15.04 -26.99
C ASN A 269 1.90 15.94 -27.36
N ASN A 270 2.48 16.62 -26.37
CA ASN A 270 3.76 17.29 -26.57
C ASN A 270 4.85 16.22 -26.67
N GLU A 271 5.56 16.22 -27.82
CA GLU A 271 6.55 15.18 -28.04
C GLU A 271 7.78 15.35 -27.16
N GLU A 272 8.06 16.54 -26.57
CA GLU A 272 9.12 16.63 -25.59
C GLU A 272 8.78 15.84 -24.29
N ASP A 273 7.50 15.75 -23.91
CA ASP A 273 7.08 15.03 -22.70
C ASP A 273 7.34 13.55 -22.94
N LEU A 274 6.99 13.04 -24.11
CA LEU A 274 7.18 11.62 -24.38
C LEU A 274 8.65 11.28 -24.52
N LYS A 275 9.44 12.23 -25.04
CA LYS A 275 10.88 12.07 -25.12
C LYS A 275 11.49 11.99 -23.73
N THR A 276 11.12 12.90 -22.84
CA THR A 276 11.64 12.85 -21.49
C THR A 276 11.27 11.53 -20.79
N LEU A 277 10.03 11.10 -20.97
CA LEU A 277 9.57 9.83 -20.38
C LEU A 277 10.39 8.67 -20.93
N SER A 278 10.71 8.65 -22.26
CA SER A 278 11.41 7.53 -22.86
C SER A 278 12.86 7.44 -22.37
N GLN A 279 13.39 8.55 -21.85
CA GLN A 279 14.78 8.60 -21.38
C GLN A 279 14.89 8.46 -19.86
N SER A 280 13.78 8.15 -19.16
CA SER A 280 13.82 7.99 -17.71
C SER A 280 14.85 6.93 -17.27
N SER A 281 15.50 7.18 -16.14
CA SER A 281 16.31 6.21 -15.40
C SER A 281 15.45 5.17 -14.68
N SER A 282 14.14 5.43 -14.55
CA SER A 282 13.26 4.48 -13.86
C SER A 282 12.62 3.59 -14.91
N LEU A 283 12.69 2.29 -14.63
CA LEU A 283 12.02 1.27 -15.42
C LEU A 283 10.65 1.01 -14.81
N ASN A 284 9.62 1.42 -15.51
CA ASN A 284 8.24 1.24 -15.12
C ASN A 284 7.44 1.11 -16.42
N ILE A 285 6.13 0.84 -16.32
CA ILE A 285 5.33 0.66 -17.51
C ILE A 285 5.28 1.90 -18.43
N TYR A 286 5.36 3.11 -17.85
CA TYR A 286 5.27 4.36 -18.59
C TYR A 286 6.53 4.57 -19.41
N SER A 287 7.69 4.44 -18.78
CA SER A 287 8.97 4.59 -19.46
C SER A 287 9.16 3.48 -20.49
N LEU A 288 8.71 2.25 -20.19
CA LEU A 288 8.80 1.14 -21.14
C LEU A 288 7.91 1.44 -22.35
N TYR A 289 6.69 1.90 -22.09
CA TYR A 289 5.75 2.25 -23.16
C TYR A 289 6.31 3.36 -24.05
N ALA A 290 6.85 4.42 -23.43
CA ALA A 290 7.40 5.56 -24.16
C ALA A 290 8.56 5.11 -25.06
N LYS A 291 9.40 4.21 -24.55
CA LYS A 291 10.51 3.67 -25.30
C LYS A 291 10.02 2.92 -26.53
N GLU A 292 8.99 2.13 -26.33
CA GLU A 292 8.40 1.40 -27.43
C GLU A 292 7.83 2.33 -28.50
N LEU A 293 7.08 3.38 -28.10
CA LEU A 293 6.46 4.33 -29.02
C LEU A 293 7.48 5.12 -29.83
N THR A 294 8.73 5.20 -29.35
CA THR A 294 9.73 6.08 -29.95
C THR A 294 10.87 5.27 -30.58
N ASN A 295 10.72 3.94 -30.70
CA ASN A 295 11.78 3.09 -31.23
C ASN A 295 13.10 3.25 -30.46
N THR A 296 13.00 3.44 -29.12
CA THR A 296 14.12 3.53 -28.22
C THR A 296 14.47 2.11 -27.73
N PRO A 297 15.78 1.74 -27.69
CA PRO A 297 16.21 0.42 -27.24
C PRO A 297 15.70 0.08 -25.83
N PHE A 298 15.45 -1.22 -25.61
CA PHE A 298 15.01 -1.72 -24.32
C PHE A 298 16.05 -1.36 -23.26
N PRO A 299 15.66 -1.00 -22.01
CA PRO A 299 16.65 -0.58 -21.01
C PRO A 299 17.59 -1.75 -20.71
N LYS A 300 18.78 -1.38 -20.29
CA LYS A 300 19.82 -2.30 -19.90
C LYS A 300 19.46 -2.99 -18.59
N ILE A 301 19.53 -4.32 -18.62
CA ILE A 301 19.32 -5.14 -17.43
C ILE A 301 20.65 -5.72 -16.95
N GLU A 302 21.00 -5.50 -15.68
CA GLU A 302 22.24 -6.04 -15.15
C GLU A 302 22.25 -7.56 -15.27
N SER A 303 23.49 -8.09 -15.31
CA SER A 303 23.71 -9.52 -15.31
C SER A 303 24.58 -9.87 -14.11
N LEU A 304 24.01 -10.65 -13.17
CA LEU A 304 24.69 -11.07 -11.96
C LEU A 304 25.02 -12.55 -12.09
N ASN A 305 26.31 -12.90 -12.04
CA ASN A 305 26.68 -14.29 -12.13
C ASN A 305 27.86 -14.52 -11.18
N PRO A 306 27.62 -14.64 -9.86
CA PRO A 306 28.71 -14.86 -8.92
C PRO A 306 29.45 -16.15 -9.25
N SER A 307 30.79 -16.10 -9.24
CA SER A 307 31.60 -17.31 -9.43
C SER A 307 31.60 -18.13 -8.13
N LYS A 308 31.86 -17.48 -6.97
CA LYS A 308 31.82 -18.17 -5.68
C LYS A 308 30.45 -18.83 -5.49
N LYS A 309 30.40 -20.08 -5.02
CA LYS A 309 29.19 -20.88 -5.14
C LYS A 309 28.37 -20.89 -3.85
N LYS A 310 29.03 -20.86 -2.68
CA LYS A 310 28.30 -20.86 -1.43
C LYS A 310 29.01 -19.97 -0.41
N ASN A 311 28.29 -19.66 0.68
CA ASN A 311 28.90 -19.20 1.92
C ASN A 311 28.23 -19.94 3.07
N ASN A 312 28.41 -19.39 4.28
CA ASN A 312 27.97 -20.04 5.51
C ASN A 312 26.52 -19.69 5.84
N PHE A 313 25.91 -18.76 5.09
CA PHE A 313 24.60 -18.22 5.44
C PHE A 313 23.55 -19.29 5.17
N ASN A 314 22.61 -19.42 6.13
CA ASN A 314 21.46 -20.29 5.99
C ASN A 314 20.27 -19.53 5.41
N MET A 315 19.98 -19.81 4.12
CA MET A 315 18.92 -19.18 3.33
C MET A 315 17.56 -19.74 3.75
N GLN A 316 17.57 -20.74 4.65
CA GLN A 316 16.32 -21.31 5.11
C GLN A 316 15.99 -20.93 6.56
N ASP A 317 16.80 -20.05 7.18
CA ASP A 317 16.57 -19.59 8.54
C ASP A 317 15.91 -18.22 8.53
N PRO A 318 14.61 -18.12 8.90
CA PRO A 318 13.90 -16.85 8.83
C PRO A 318 14.48 -15.78 9.77
N PHE A 319 15.02 -16.22 10.94
CA PHE A 319 15.62 -15.33 11.91
C PHE A 319 16.90 -14.68 11.36
N ALA A 320 17.73 -15.46 10.70
CA ALA A 320 18.94 -14.99 10.06
C ALA A 320 18.62 -13.94 8.98
N TRP A 321 17.55 -14.12 8.22
CA TRP A 321 17.16 -13.12 7.23
C TRP A 321 16.76 -11.80 7.93
N GLN A 322 15.94 -11.84 9.00
CA GLN A 322 15.49 -10.61 9.65
C GLN A 322 16.71 -9.77 10.13
N LYS A 323 17.70 -10.45 10.66
CA LYS A 323 18.91 -9.87 11.21
C LYS A 323 19.76 -9.22 10.11
N ILE A 324 19.98 -9.96 9.00
CA ILE A 324 20.78 -9.43 7.91
C ILE A 324 20.04 -8.31 7.16
N ASN A 325 18.70 -8.36 7.08
CA ASN A 325 17.91 -7.32 6.43
C ASN A 325 18.09 -5.99 7.19
N LYS A 326 18.08 -6.09 8.51
CA LYS A 326 18.17 -4.94 9.38
C LYS A 326 19.53 -4.27 9.18
N GLN A 327 20.60 -5.08 9.19
CA GLN A 327 21.95 -4.62 8.92
C GLN A 327 22.10 -3.97 7.55
N ILE A 328 21.55 -4.63 6.53
CA ILE A 328 21.65 -4.09 5.19
C ILE A 328 20.97 -2.71 5.15
N ARG A 329 19.79 -2.56 5.78
CA ARG A 329 19.03 -1.32 5.72
C ARG A 329 19.65 -0.18 6.56
N ASP A 330 20.53 -0.51 7.51
CA ASP A 330 21.15 0.48 8.37
C ASP A 330 22.65 0.59 8.04
N ALA A 331 23.08 -0.08 6.95
CA ALA A 331 24.45 0.05 6.48
C ALA A 331 24.58 1.41 5.77
N ASN A 332 25.70 2.07 6.08
CA ASN A 332 26.13 3.30 5.42
C ASN A 332 26.56 2.89 4.00
N ALA A 333 26.84 3.88 3.12
CA ALA A 333 27.39 3.64 1.78
C ALA A 333 28.59 2.67 1.80
N SER A 334 29.43 2.73 2.85
CA SER A 334 30.64 1.94 2.96
C SER A 334 30.35 0.50 3.40
N GLN A 335 29.43 0.29 4.38
CA GLN A 335 29.17 -1.04 4.91
C GLN A 335 28.46 -1.94 3.88
N LEU A 336 27.60 -1.35 3.02
CA LEU A 336 26.99 -2.04 1.90
C LEU A 336 28.03 -2.72 1.00
N ASP A 337 29.20 -2.10 0.76
CA ASP A 337 30.24 -2.70 -0.09
C ASP A 337 30.84 -3.92 0.60
N VAL A 338 30.86 -3.92 1.92
CA VAL A 338 31.38 -5.08 2.64
C VAL A 338 30.41 -6.28 2.55
N LEU A 339 29.10 -5.98 2.68
CA LEU A 339 28.09 -7.03 2.67
C LEU A 339 27.96 -7.61 1.25
N ALA A 340 27.99 -6.73 0.25
CA ALA A 340 27.96 -7.08 -1.18
C ALA A 340 28.95 -8.21 -1.46
N LYS A 341 30.19 -8.05 -0.96
CA LYS A 341 31.25 -9.01 -1.20
C LYS A 341 30.98 -10.32 -0.49
N GLU A 342 30.54 -10.28 0.77
CA GLU A 342 30.33 -11.51 1.52
C GLU A 342 29.20 -12.35 0.89
N PHE A 343 28.15 -11.70 0.34
CA PHE A 343 26.95 -12.36 -0.19
C PHE A 343 26.99 -12.54 -1.72
N ASP A 344 28.15 -12.24 -2.34
CA ASP A 344 28.40 -12.42 -3.77
C ASP A 344 28.66 -13.90 -4.06
N THR A 345 27.65 -14.73 -3.83
CA THR A 345 27.71 -16.14 -4.12
C THR A 345 26.43 -16.53 -4.83
N GLN A 346 26.49 -17.71 -5.45
CA GLN A 346 25.34 -18.31 -6.13
C GLN A 346 24.23 -18.59 -5.12
N GLU A 347 24.58 -19.21 -3.96
CA GLU A 347 23.58 -19.64 -2.99
C GLU A 347 22.86 -18.43 -2.35
N THR A 348 23.55 -17.29 -2.23
CA THR A 348 22.93 -16.09 -1.64
C THR A 348 22.68 -15.01 -2.70
N LEU A 349 22.48 -15.41 -3.96
CA LEU A 349 22.22 -14.46 -5.05
C LEU A 349 21.09 -13.50 -4.69
N PRO A 350 19.92 -13.91 -4.12
CA PRO A 350 18.84 -12.96 -3.79
C PRO A 350 19.28 -11.89 -2.79
N ILE A 351 20.15 -12.25 -1.82
CA ILE A 351 20.68 -11.26 -0.88
C ILE A 351 21.67 -10.32 -1.60
N TYR A 352 22.54 -10.84 -2.47
CA TYR A 352 23.44 -10.04 -3.27
C TYR A 352 22.68 -8.98 -4.08
N ALA A 353 21.66 -9.38 -4.86
CA ALA A 353 20.95 -8.45 -5.73
C ALA A 353 20.26 -7.38 -4.86
N TYR A 354 19.87 -7.78 -3.65
CA TYR A 354 19.15 -6.91 -2.72
C TYR A 354 20.11 -5.83 -2.25
N ILE A 355 21.32 -6.24 -1.87
CA ILE A 355 22.38 -5.33 -1.45
C ILE A 355 22.76 -4.38 -2.57
N LEU A 356 22.94 -4.88 -3.80
CA LEU A 356 23.33 -4.04 -4.93
C LEU A 356 22.25 -2.99 -5.26
N GLU A 357 20.99 -3.39 -5.20
CA GLU A 357 19.88 -2.50 -5.52
C GLU A 357 19.91 -1.29 -4.59
N ARG A 358 20.15 -1.50 -3.28
CA ARG A 358 20.30 -0.40 -2.33
C ARG A 358 21.62 0.36 -2.55
N LYS A 359 22.71 -0.37 -2.74
CA LYS A 359 24.07 0.15 -2.85
C LYS A 359 24.29 1.01 -4.10
N ASN A 360 23.52 0.80 -5.18
CA ASN A 360 23.62 1.57 -6.42
C ASN A 360 22.51 2.61 -6.49
N ASN A 361 21.85 2.82 -5.33
CA ASN A 361 20.86 3.87 -5.16
C ASN A 361 19.73 3.75 -6.19
N PHE A 362 19.34 2.50 -6.53
CA PHE A 362 18.12 2.18 -7.28
C PHE A 362 18.26 2.56 -8.78
N LYS A 363 19.52 2.80 -9.23
CA LYS A 363 19.83 3.23 -10.60
C LYS A 363 20.04 2.06 -11.56
N LYS A 364 20.41 0.89 -11.04
CA LYS A 364 20.66 -0.23 -11.93
C LYS A 364 19.43 -1.14 -11.86
N HIS A 365 19.12 -1.84 -12.96
CA HIS A 365 17.95 -2.72 -13.03
C HIS A 365 18.35 -4.18 -12.78
N TYR A 366 17.89 -4.76 -11.65
CA TYR A 366 18.25 -6.14 -11.32
C TYR A 366 17.01 -7.01 -11.39
N PHE A 367 17.08 -8.01 -12.28
CA PHE A 367 16.00 -8.91 -12.62
C PHE A 367 16.56 -10.34 -12.59
N ILE A 368 16.81 -10.87 -11.38
CA ILE A 368 17.43 -12.17 -11.25
C ILE A 368 16.39 -13.26 -11.47
N MET A 369 16.90 -14.50 -11.69
CA MET A 369 16.05 -15.66 -11.87
C MET A 369 16.60 -16.80 -11.03
N PRO A 370 16.48 -16.72 -9.69
CA PRO A 370 17.06 -17.75 -8.84
C PRO A 370 16.20 -19.02 -8.79
N TYR A 371 16.86 -20.16 -8.45
CA TYR A 371 16.19 -21.45 -8.31
C TYR A 371 15.48 -21.83 -9.63
N TYR A 372 16.13 -21.46 -10.75
CA TYR A 372 15.49 -21.47 -12.07
C TYR A 372 15.13 -22.90 -12.50
N ASP A 373 15.88 -23.88 -12.02
CA ASP A 373 15.58 -25.28 -12.36
C ASP A 373 14.13 -25.65 -12.01
N ASN A 374 13.51 -24.99 -11.02
CA ASN A 374 12.14 -25.31 -10.68
C ASN A 374 11.13 -24.76 -11.68
N ILE A 375 11.52 -23.82 -12.56
CA ILE A 375 10.51 -23.27 -13.47
C ILE A 375 10.88 -23.48 -14.94
N LYS A 376 12.03 -24.06 -15.24
CA LYS A 376 12.58 -24.01 -16.59
C LYS A 376 11.75 -24.84 -17.57
N ASP A 377 10.86 -25.70 -17.07
CA ASP A 377 10.04 -26.56 -17.93
C ASP A 377 8.66 -25.96 -18.17
N TYR A 378 8.32 -24.84 -17.50
CA TYR A 378 7.12 -24.10 -17.82
C TYR A 378 7.38 -23.34 -19.13
N ASN A 379 6.31 -22.96 -19.83
CA ASN A 379 6.50 -22.11 -20.99
C ASN A 379 6.99 -20.74 -20.52
N LYS A 380 7.67 -20.02 -21.41
CA LYS A 380 8.42 -18.85 -21.03
C LYS A 380 7.50 -17.74 -20.55
N THR A 381 6.29 -17.65 -21.08
CA THR A 381 5.35 -16.60 -20.68
C THR A 381 4.99 -16.82 -19.20
N ARG A 382 4.80 -18.10 -18.83
CA ARG A 382 4.47 -18.49 -17.46
C ARG A 382 5.66 -18.25 -16.54
N GLN A 383 6.87 -18.61 -16.97
CA GLN A 383 8.08 -18.30 -16.24
C GLN A 383 8.10 -16.81 -15.90
N ALA A 384 7.75 -15.97 -16.88
CA ALA A 384 7.97 -14.54 -16.70
C ALA A 384 6.95 -14.01 -15.68
N LEU A 385 5.73 -14.53 -15.74
CA LEU A 385 4.66 -14.14 -14.82
C LEU A 385 5.01 -14.54 -13.38
N ILE A 386 5.48 -15.79 -13.22
CA ILE A 386 5.97 -16.28 -11.92
C ILE A 386 7.08 -15.37 -11.39
N LEU A 387 8.10 -15.12 -12.22
CA LEU A 387 9.24 -14.31 -11.82
C LEU A 387 8.80 -12.86 -11.50
N ALA A 388 7.84 -12.35 -12.27
CA ALA A 388 7.38 -10.96 -12.12
C ALA A 388 6.72 -10.77 -10.75
N ILE A 389 5.93 -11.78 -10.37
CA ILE A 389 5.22 -11.81 -9.09
C ILE A 389 6.24 -11.95 -7.98
N ALA A 390 7.19 -12.89 -8.08
CA ALA A 390 8.15 -13.15 -7.01
C ALA A 390 9.02 -11.90 -6.74
N ARG A 391 9.44 -11.24 -7.84
CA ARG A 391 10.29 -10.08 -7.70
C ARG A 391 9.60 -9.02 -6.82
N GLN A 392 8.32 -8.74 -7.06
CA GLN A 392 7.62 -7.71 -6.31
C GLN A 392 7.24 -8.21 -4.90
N GLU A 393 6.90 -9.50 -4.78
CA GLU A 393 6.41 -10.05 -3.52
C GLU A 393 7.52 -10.09 -2.48
N SER A 394 8.74 -10.48 -2.88
CA SER A 394 9.75 -10.89 -1.94
C SER A 394 11.16 -10.45 -2.29
N ARG A 395 11.37 -9.96 -3.53
CA ARG A 395 12.72 -9.85 -4.08
C ARG A 395 13.44 -11.20 -4.00
N PHE A 396 12.68 -12.28 -4.11
CA PHE A 396 13.22 -13.65 -4.11
C PHE A 396 13.87 -14.10 -2.79
N ILE A 397 13.55 -13.44 -1.66
CA ILE A 397 14.08 -13.86 -0.37
C ILE A 397 13.27 -15.09 0.08
N PRO A 398 13.88 -16.28 0.23
CA PRO A 398 13.09 -17.49 0.50
C PRO A 398 12.25 -17.47 1.78
N THR A 399 12.79 -16.83 2.85
CA THR A 399 12.12 -16.73 4.15
C THR A 399 11.44 -15.39 4.39
N ALA A 400 11.01 -14.72 3.30
CA ALA A 400 10.30 -13.47 3.43
C ALA A 400 9.01 -13.66 4.20
N ILE A 401 8.78 -12.70 5.14
CA ILE A 401 7.54 -12.64 5.90
C ILE A 401 6.98 -11.22 5.89
N SER A 402 5.73 -11.09 5.48
CA SER A 402 5.06 -9.80 5.41
C SER A 402 4.47 -9.43 6.77
N VAL A 403 3.99 -8.18 6.89
CA VAL A 403 3.34 -7.73 8.11
C VAL A 403 2.05 -8.51 8.34
N SER A 404 1.47 -9.16 7.33
CA SER A 404 0.31 -10.03 7.52
C SER A 404 0.69 -11.51 7.54
N TYR A 405 1.99 -11.81 7.63
CA TYR A 405 2.56 -13.14 7.74
C TYR A 405 2.31 -13.94 6.46
N ALA A 406 2.29 -13.25 5.30
CA ALA A 406 2.46 -13.96 4.02
C ALA A 406 3.89 -14.47 3.97
N LEU A 407 4.09 -15.66 3.35
CA LEU A 407 5.32 -16.43 3.48
C LEU A 407 6.00 -16.73 2.14
N GLY A 408 7.33 -16.61 2.19
CA GLY A 408 8.32 -17.08 1.21
C GLY A 408 8.35 -16.22 -0.06
N MET A 409 9.00 -16.71 -1.11
CA MET A 409 9.21 -15.93 -2.34
C MET A 409 7.91 -15.51 -3.02
N MET A 410 6.83 -16.29 -2.91
CA MET A 410 5.60 -16.01 -3.61
C MET A 410 4.58 -15.42 -2.64
N GLN A 411 4.98 -15.27 -1.38
CA GLN A 411 4.16 -14.56 -0.40
C GLN A 411 2.75 -15.11 -0.29
N PHE A 412 2.64 -16.43 -0.03
CA PHE A 412 1.35 -17.03 0.21
C PHE A 412 0.83 -16.73 1.62
N MET A 413 -0.46 -16.43 1.73
CA MET A 413 -1.08 -16.38 3.03
CA MET A 413 -1.16 -16.39 3.00
C MET A 413 -1.21 -17.82 3.54
N PRO A 414 -1.04 -18.05 4.87
CA PRO A 414 -1.16 -19.39 5.46
C PRO A 414 -2.41 -20.18 5.04
N PHE A 415 -3.56 -19.53 4.97
CA PHE A 415 -4.81 -20.20 4.69
C PHE A 415 -4.78 -20.87 3.31
N LEU A 416 -4.33 -20.09 2.30
CA LEU A 416 -4.24 -20.63 0.95
C LEU A 416 -3.10 -21.65 0.84
N ALA A 417 -1.95 -21.40 1.48
CA ALA A 417 -0.87 -22.35 1.52
C ALA A 417 -1.35 -23.73 2.01
N ASN A 418 -2.12 -23.74 3.09
CA ASN A 418 -2.58 -24.99 3.70
C ASN A 418 -3.66 -25.65 2.84
N HIS A 419 -4.53 -24.84 2.26
CA HIS A 419 -5.55 -25.34 1.34
C HIS A 419 -4.87 -26.10 0.19
N ILE A 420 -3.90 -25.47 -0.48
CA ILE A 420 -3.22 -26.09 -1.60
C ILE A 420 -2.40 -27.32 -1.15
N GLY A 421 -1.60 -27.17 -0.08
CA GLY A 421 -0.61 -28.16 0.35
C GLY A 421 -1.26 -29.42 0.95
N GLU A 422 -2.33 -29.24 1.73
CA GLU A 422 -2.97 -30.33 2.48
C GLU A 422 -4.19 -30.85 1.70
N LYS A 423 -5.15 -29.98 1.38
CA LYS A 423 -6.35 -30.46 0.72
C LYS A 423 -6.12 -30.78 -0.76
N GLU A 424 -5.45 -29.90 -1.52
CA GLU A 424 -5.40 -30.11 -2.96
C GLU A 424 -4.28 -31.10 -3.29
N LEU A 425 -3.05 -30.82 -2.83
CA LEU A 425 -1.87 -31.58 -3.26
C LEU A 425 -1.60 -32.76 -2.35
N LYS A 426 -2.17 -32.70 -1.15
CA LYS A 426 -2.08 -33.80 -0.20
C LYS A 426 -0.62 -34.15 0.06
N ILE A 427 0.22 -33.10 0.21
CA ILE A 427 1.64 -33.29 0.44
C ILE A 427 1.82 -33.89 1.84
N PRO A 428 2.51 -35.06 1.98
CA PRO A 428 2.67 -35.71 3.27
C PRO A 428 3.44 -34.78 4.24
N ASN A 429 2.93 -34.64 5.46
CA ASN A 429 3.58 -33.89 6.53
C ASN A 429 3.68 -32.39 6.20
N PHE A 430 2.79 -31.91 5.32
CA PHE A 430 2.80 -30.52 4.89
C PHE A 430 2.72 -29.60 6.10
N ASP A 431 3.58 -28.58 6.10
CA ASP A 431 3.41 -27.46 7.00
C ASP A 431 3.53 -26.18 6.16
N GLN A 432 2.77 -25.14 6.52
CA GLN A 432 2.83 -23.82 5.87
C GLN A 432 4.25 -23.27 5.72
N ASP A 433 5.19 -23.64 6.60
CA ASP A 433 6.57 -23.18 6.48
C ASP A 433 7.27 -23.79 5.24
N PHE A 434 6.67 -24.82 4.61
CA PHE A 434 7.23 -25.29 3.36
C PHE A 434 7.22 -24.18 2.28
N MET A 435 6.40 -23.16 2.44
CA MET A 435 6.34 -22.03 1.52
C MET A 435 7.68 -21.30 1.46
N PHE A 436 8.56 -21.50 2.46
CA PHE A 436 9.89 -20.93 2.46
C PHE A 436 10.86 -21.68 1.55
N LYS A 437 10.46 -22.89 1.09
CA LYS A 437 11.28 -23.66 0.17
C LYS A 437 10.99 -23.16 -1.25
N PRO A 438 12.01 -22.72 -2.02
CA PRO A 438 11.78 -22.21 -3.37
C PRO A 438 11.01 -23.19 -4.28
N GLU A 439 11.32 -24.50 -4.21
CA GLU A 439 10.60 -25.48 -5.06
C GLU A 439 9.12 -25.40 -4.77
N ILE A 440 8.78 -25.21 -3.49
CA ILE A 440 7.38 -25.23 -3.10
C ILE A 440 6.69 -23.91 -3.52
N ALA A 441 7.39 -22.81 -3.27
CA ALA A 441 6.87 -21.48 -3.61
C ALA A 441 6.51 -21.42 -5.10
N TYR A 442 7.46 -21.81 -5.97
CA TYR A 442 7.29 -21.72 -7.43
C TYR A 442 6.17 -22.68 -7.90
N TYR A 443 6.11 -23.85 -7.27
CA TYR A 443 5.13 -24.86 -7.66
C TYR A 443 3.73 -24.40 -7.26
N PHE A 444 3.60 -23.90 -6.03
CA PHE A 444 2.31 -23.37 -5.60
C PHE A 444 1.93 -22.11 -6.38
N GLY A 445 2.91 -21.23 -6.61
CA GLY A 445 2.66 -20.05 -7.42
C GLY A 445 2.13 -20.40 -8.80
N ASN A 446 2.78 -21.37 -9.46
CA ASN A 446 2.32 -21.86 -10.76
C ASN A 446 0.88 -22.37 -10.67
N TYR A 447 0.61 -23.16 -9.61
CA TYR A 447 -0.71 -23.73 -9.39
C TYR A 447 -1.78 -22.65 -9.26
N HIS A 448 -1.52 -21.63 -8.42
CA HIS A 448 -2.50 -20.58 -8.21
C HIS A 448 -2.61 -19.65 -9.44
N LEU A 449 -1.47 -19.32 -10.07
CA LEU A 449 -1.50 -18.51 -11.30
C LEU A 449 -2.28 -19.19 -12.42
N ASN A 450 -2.23 -20.53 -12.52
CA ASN A 450 -3.10 -21.25 -13.44
C ASN A 450 -4.58 -21.02 -13.17
N TYR A 451 -4.99 -21.16 -11.91
CA TYR A 451 -6.37 -20.85 -11.55
C TYR A 451 -6.73 -19.45 -12.04
N LEU A 452 -5.89 -18.45 -11.71
CA LEU A 452 -6.28 -17.05 -11.91
C LEU A 452 -6.32 -16.71 -13.41
N GLU A 453 -5.30 -17.18 -14.14
CA GLU A 453 -5.14 -16.83 -15.54
C GLU A 453 -6.23 -17.45 -16.41
N SER A 454 -6.63 -18.68 -16.07
CA SER A 454 -7.72 -19.31 -16.79
C SER A 454 -9.02 -18.49 -16.68
N ARG A 455 -9.21 -17.76 -15.56
CA ARG A 455 -10.40 -16.94 -15.42
C ARG A 455 -10.18 -15.51 -15.91
N LEU A 456 -8.96 -14.94 -15.86
CA LEU A 456 -8.80 -13.50 -16.06
C LEU A 456 -7.97 -13.15 -17.32
N LYS A 457 -7.06 -14.03 -17.74
CA LYS A 457 -6.31 -13.94 -19.02
C LYS A 457 -5.13 -12.95 -18.96
N SER A 458 -5.47 -11.65 -18.87
CA SER A 458 -4.47 -10.60 -18.82
C SER A 458 -3.53 -10.78 -17.61
N PRO A 459 -2.20 -10.63 -17.79
CA PRO A 459 -1.25 -10.68 -16.68
C PRO A 459 -1.49 -9.53 -15.69
N LEU A 460 -2.07 -8.41 -16.14
CA LEU A 460 -2.36 -7.32 -15.22
C LEU A 460 -3.51 -7.72 -14.28
N PHE A 461 -4.58 -8.29 -14.83
CA PHE A 461 -5.73 -8.72 -14.05
C PHE A 461 -5.34 -9.84 -13.10
N VAL A 462 -4.49 -10.74 -13.56
CA VAL A 462 -3.95 -11.81 -12.73
C VAL A 462 -3.18 -11.23 -11.54
N ALA A 463 -2.37 -10.17 -11.79
CA ALA A 463 -1.65 -9.54 -10.71
C ALA A 463 -2.62 -8.89 -9.71
N TYR A 464 -3.61 -8.15 -10.17
CA TYR A 464 -4.60 -7.57 -9.27
C TYR A 464 -5.20 -8.66 -8.34
N ALA A 465 -5.61 -9.78 -8.93
CA ALA A 465 -6.26 -10.89 -8.24
C ALA A 465 -5.29 -11.63 -7.34
N TYR A 466 -3.99 -11.69 -7.70
CA TYR A 466 -3.02 -12.36 -6.85
C TYR A 466 -2.88 -11.61 -5.53
N ASN A 467 -2.83 -10.28 -5.60
CA ASN A 467 -2.62 -9.42 -4.44
C ASN A 467 -3.94 -9.13 -3.73
N GLY A 468 -5.01 -8.90 -4.47
CA GLY A 468 -6.24 -8.37 -3.92
C GLY A 468 -7.36 -9.41 -3.80
N GLY A 469 -7.22 -10.57 -4.46
CA GLY A 469 -8.24 -11.59 -4.53
C GLY A 469 -9.06 -11.53 -5.82
N ILE A 470 -9.52 -12.70 -6.29
CA ILE A 470 -10.31 -12.79 -7.50
C ILE A 470 -11.70 -12.16 -7.30
N GLY A 471 -12.21 -12.11 -6.06
CA GLY A 471 -13.52 -11.51 -5.80
C GLY A 471 -13.53 -10.00 -6.07
N PHE A 472 -12.56 -9.30 -5.49
CA PHE A 472 -12.36 -7.87 -5.73
C PHE A 472 -12.14 -7.58 -7.22
N THR A 473 -11.33 -8.43 -7.86
CA THR A 473 -10.97 -8.20 -9.27
C THR A 473 -12.20 -8.36 -10.15
N ASN A 474 -12.99 -9.45 -9.91
CA ASN A 474 -14.24 -9.71 -10.61
C ASN A 474 -15.19 -8.54 -10.43
N ARG A 475 -15.33 -8.03 -9.20
CA ARG A 475 -16.27 -6.95 -8.94
C ARG A 475 -15.83 -5.68 -9.67
N MET A 476 -14.52 -5.42 -9.67
CA MET A 476 -14.02 -4.27 -10.42
C MET A 476 -14.33 -4.44 -11.92
N LEU A 477 -14.01 -5.62 -12.50
CA LEU A 477 -14.24 -5.84 -13.93
C LEU A 477 -15.73 -5.91 -14.29
N ALA A 478 -16.63 -6.18 -13.33
CA ALA A 478 -18.07 -6.15 -13.61
C ALA A 478 -18.60 -4.73 -13.81
N ARG A 479 -17.89 -3.71 -13.31
CA ARG A 479 -18.37 -2.33 -13.38
C ARG A 479 -18.36 -1.82 -14.83
N ASN A 480 -19.34 -0.94 -15.10
CA ASN A 480 -19.54 -0.28 -16.39
C ASN A 480 -18.43 0.71 -16.72
N ASP A 481 -17.72 1.19 -15.70
CA ASP A 481 -16.82 2.32 -15.82
C ASP A 481 -15.36 1.88 -15.70
N MET A 482 -15.06 0.57 -15.72
CA MET A 482 -13.71 0.07 -15.47
C MET A 482 -13.31 -0.89 -16.58
N PHE A 483 -12.15 -0.60 -17.21
CA PHE A 483 -11.56 -1.42 -18.26
C PHE A 483 -12.51 -1.65 -19.45
N LYS A 484 -13.29 -0.62 -19.78
CA LYS A 484 -14.14 -0.58 -20.97
C LYS A 484 -13.44 0.31 -21.98
N THR A 485 -14.05 0.51 -23.16
CA THR A 485 -13.46 1.40 -24.15
C THR A 485 -13.65 2.85 -23.70
N GLY A 486 -12.74 3.75 -24.11
CA GLY A 486 -12.78 5.15 -23.79
C GLY A 486 -11.49 5.81 -24.21
N LYS A 487 -11.56 7.12 -24.34
CA LYS A 487 -10.53 8.02 -24.83
C LYS A 487 -9.17 7.73 -24.18
N PHE A 488 -9.20 7.58 -22.84
CA PHE A 488 -7.98 7.46 -22.03
C PHE A 488 -7.79 6.06 -21.41
N GLU A 489 -8.50 5.06 -21.97
CA GLU A 489 -8.46 3.70 -21.47
C GLU A 489 -7.32 2.96 -22.15
N PRO A 490 -6.70 1.94 -21.51
CA PRO A 490 -7.06 1.44 -20.17
C PRO A 490 -6.33 2.20 -19.05
N PHE A 491 -5.59 3.25 -19.40
CA PHE A 491 -4.74 3.93 -18.42
C PHE A 491 -5.57 4.57 -17.28
N LEU A 492 -6.70 5.18 -17.62
CA LEU A 492 -7.56 5.80 -16.61
C LEU A 492 -8.01 4.75 -15.60
N SER A 493 -8.53 3.61 -16.06
CA SER A 493 -8.96 2.51 -15.20
C SER A 493 -7.87 2.07 -14.23
N MET A 494 -6.63 1.99 -14.74
CA MET A 494 -5.49 1.62 -13.88
C MET A 494 -5.24 2.61 -12.73
N GLU A 495 -5.68 3.88 -12.89
CA GLU A 495 -5.58 4.88 -11.83
C GLU A 495 -6.74 4.78 -10.83
N LEU A 496 -7.79 4.06 -11.16
CA LEU A 496 -9.04 4.05 -10.38
C LEU A 496 -9.29 2.69 -9.73
N VAL A 497 -8.29 1.79 -9.71
CA VAL A 497 -8.36 0.48 -9.08
C VAL A 497 -8.56 0.75 -7.61
N PRO A 498 -9.70 0.32 -7.00
CA PRO A 498 -10.10 0.95 -5.73
C PRO A 498 -9.29 0.59 -4.48
N TYR A 499 -8.26 -0.28 -4.54
CA TYR A 499 -7.39 -0.54 -3.39
C TYR A 499 -5.96 -0.15 -3.77
N GLN A 500 -5.38 0.76 -2.99
CA GLN A 500 -4.11 1.38 -3.31
C GLN A 500 -3.01 0.34 -3.48
N GLU A 501 -2.90 -0.62 -2.55
CA GLU A 501 -1.85 -1.61 -2.64
C GLU A 501 -1.92 -2.40 -3.97
N SER A 502 -3.14 -2.81 -4.34
CA SER A 502 -3.36 -3.55 -5.60
C SER A 502 -3.13 -2.67 -6.85
N ARG A 503 -3.53 -1.41 -6.81
CA ARG A 503 -3.31 -0.44 -7.88
C ARG A 503 -1.83 -0.29 -8.21
N ILE A 504 -1.02 -0.13 -7.16
CA ILE A 504 0.43 -0.03 -7.27
C ILE A 504 1.03 -1.36 -7.74
N TYR A 505 0.60 -2.46 -7.11
CA TYR A 505 1.14 -3.78 -7.35
C TYR A 505 1.02 -4.16 -8.83
N GLY A 506 -0.16 -3.93 -9.42
CA GLY A 506 -0.37 -4.29 -10.82
C GLY A 506 0.62 -3.60 -11.78
N LYS A 507 0.82 -2.30 -11.59
CA LYS A 507 1.73 -1.50 -12.41
C LYS A 507 3.14 -2.05 -12.30
N LYS A 508 3.59 -2.39 -11.07
CA LYS A 508 4.92 -2.91 -10.86
C LYS A 508 5.06 -4.30 -11.44
N VAL A 509 4.09 -5.19 -11.16
CA VAL A 509 4.23 -6.55 -11.67
C VAL A 509 4.16 -6.53 -13.21
N LEU A 510 3.35 -5.67 -13.80
CA LEU A 510 3.29 -5.61 -15.27
C LEU A 510 4.66 -5.25 -15.88
N ALA A 511 5.32 -4.23 -15.32
CA ALA A 511 6.66 -3.86 -15.73
C ALA A 511 7.57 -5.08 -15.64
N ASN A 512 7.55 -5.77 -14.49
CA ASN A 512 8.45 -6.89 -14.30
C ASN A 512 8.23 -7.97 -15.36
N TYR A 513 6.96 -8.27 -15.61
CA TYR A 513 6.53 -9.24 -16.59
C TYR A 513 7.13 -8.93 -17.96
N ILE A 514 7.01 -7.67 -18.39
CA ILE A 514 7.56 -7.24 -19.69
C ILE A 514 9.06 -7.48 -19.72
N VAL A 515 9.77 -7.08 -18.66
CA VAL A 515 11.21 -7.28 -18.57
C VAL A 515 11.56 -8.78 -18.67
N TYR A 516 10.88 -9.65 -17.89
CA TYR A 516 11.30 -11.05 -17.84
C TYR A 516 10.96 -11.73 -19.17
N ARG A 517 9.85 -11.33 -19.82
CA ARG A 517 9.52 -11.85 -21.15
C ARG A 517 10.67 -11.52 -22.11
N HIS A 518 11.17 -10.30 -22.00
CA HIS A 518 12.29 -9.85 -22.82
C HIS A 518 13.56 -10.64 -22.55
N LEU A 519 13.88 -10.82 -21.26
CA LEU A 519 15.05 -11.59 -20.86
C LEU A 519 14.95 -13.04 -21.28
N LEU A 520 13.77 -13.64 -21.39
CA LEU A 520 13.65 -15.04 -21.76
C LEU A 520 13.53 -15.25 -23.27
N ASN A 521 13.77 -14.19 -24.05
CA ASN A 521 13.64 -14.27 -25.51
C ASN A 521 12.23 -14.60 -25.88
N ASP A 522 11.28 -13.94 -25.18
CA ASP A 522 9.90 -14.16 -25.45
C ASP A 522 9.19 -12.80 -25.39
N SER A 523 9.81 -11.79 -26.03
CA SER A 523 9.36 -10.40 -25.97
C SER A 523 7.91 -10.25 -26.37
N ILE A 524 7.21 -9.34 -25.69
CA ILE A 524 5.91 -8.88 -26.13
C ILE A 524 5.89 -7.35 -26.03
N LYS A 525 5.22 -6.72 -26.98
CA LYS A 525 5.04 -5.28 -26.94
C LYS A 525 4.05 -4.96 -25.81
N ILE A 526 4.38 -3.94 -25.01
CA ILE A 526 3.50 -3.57 -23.91
C ILE A 526 2.22 -2.97 -24.48
N SER A 527 2.25 -2.41 -25.71
CA SER A 527 1.05 -1.94 -26.37
C SER A 527 0.04 -3.06 -26.62
N ASP A 528 0.49 -4.30 -26.91
CA ASP A 528 -0.41 -5.43 -27.05
C ASP A 528 -1.09 -5.74 -25.71
N ILE A 529 -0.36 -5.61 -24.61
CA ILE A 529 -0.95 -5.85 -23.28
C ILE A 529 -2.04 -4.80 -23.03
N PHE A 530 -1.76 -3.53 -23.35
CA PHE A 530 -2.73 -2.48 -23.12
C PHE A 530 -3.97 -2.68 -24.00
N GLU A 531 -3.79 -3.05 -25.26
CA GLU A 531 -4.93 -3.28 -26.14
C GLU A 531 -5.85 -4.36 -25.57
N ASN A 532 -5.26 -5.42 -25.01
CA ASN A 532 -6.01 -6.57 -24.51
C ASN A 532 -6.69 -6.28 -23.17
N LEU A 533 -6.51 -5.09 -22.58
CA LEU A 533 -7.17 -4.80 -21.32
C LEU A 533 -8.58 -4.30 -21.56
N ILE A 534 -8.91 -3.88 -22.77
CA ILE A 534 -10.11 -3.08 -22.92
C ILE A 534 -11.39 -3.97 -22.93
#